data_1R16
#
_entry.id   1R16
#
_cell.length_a   70.293
_cell.length_b   58.349
_cell.length_c   72.368
_cell.angle_alpha   90.00
_cell.angle_beta   100.70
_cell.angle_gamma   90.00
#
_symmetry.space_group_name_H-M   'P 1 21 1'
#
loop_
_entity.id
_entity.type
_entity.pdbx_description
1 polymer 'ADP-ribosyl cyclase'
2 non-polymer "ANY 5'-MONOPHOSPHATE NUCLEOTIDE"
3 non-polymer 3-PYRIDINYLCARBINOL
4 water water
#
_entity_poly.entity_id   1
_entity_poly.type   'polypeptide(L)'
_entity_poly.pdbx_seq_one_letter_code
;IVPTRELENVFLGRCKDYEITRYLDILPRVRSDCSALWKDFFKAFSFKNPCDLDLGSYKDFFTSAQQQLPKNKVMFWSGV
YDEAHDYANTGRKYITLEDTLPGYMLNSLVWCGQRANPGFNEKVCPDFKTCPVQARESFWGMASSSYAHSAEGEVTYMVD
GSNPKVPAYRPDSFFGKYELPNLTNKVTRVKVIVLHRLGEKIIEKCGAGSLLDLEKLVKAKHFAFDCVENPRAVLFLLCS
DNPNARECRLAKRFYRIA
;
_entity_poly.pdbx_strand_id   A,B
#
loop_
_chem_comp.id
_chem_comp.type
_chem_comp.name
_chem_comp.formula
N RNA linking 'ANY 5'-MONOPHOSPHATE NUCLEOTIDE' 'C5 H11 O7 P'
PYF non-polymer 3-PYRIDINYLCARBINOL 'C6 H7 N O'
#
# COMPACT_ATOMS: atom_id res chain seq x y z
N ILE A 1 -1.21 11.87 24.53
CA ILE A 1 -1.53 11.44 23.15
C ILE A 1 -2.74 10.49 23.21
N VAL A 2 -3.51 10.48 22.13
CA VAL A 2 -4.72 9.68 22.02
C VAL A 2 -4.37 8.29 21.50
N PRO A 3 -4.71 7.21 22.24
CA PRO A 3 -4.38 5.85 21.74
C PRO A 3 -5.35 5.38 20.65
N THR A 4 -4.95 4.34 19.90
CA THR A 4 -5.81 3.72 18.85
C THR A 4 -7.03 3.06 19.54
N ARG A 5 -8.23 3.32 19.03
CA ARG A 5 -9.47 2.78 19.61
C ARG A 5 -9.63 1.31 19.22
N GLU A 6 -10.29 0.52 20.07
CA GLU A 6 -10.55 -0.89 19.75
C GLU A 6 -9.27 -1.61 19.29
N LEU A 7 -8.20 -1.44 20.06
CA LEU A 7 -6.89 -2.03 19.72
C LEU A 7 -6.96 -3.53 19.37
N GLU A 8 -7.60 -4.31 20.24
CA GLU A 8 -7.74 -5.76 20.03
C GLU A 8 -8.43 -6.05 18.66
N ASN A 9 -9.56 -5.37 18.37
CA ASN A 9 -10.25 -5.57 17.09
C ASN A 9 -9.37 -5.22 15.89
N VAL A 10 -8.64 -4.09 15.94
CA VAL A 10 -7.76 -3.71 14.85
C VAL A 10 -6.64 -4.76 14.68
N PHE A 11 -6.09 -5.19 15.79
CA PHE A 11 -4.99 -6.17 15.76
C PHE A 11 -5.40 -7.49 15.11
N LEU A 12 -6.52 -8.04 15.58
CA LEU A 12 -7.08 -9.29 15.09
C LEU A 12 -7.53 -9.13 13.64
N GLY A 13 -8.13 -7.98 13.30
CA GLY A 13 -8.54 -7.72 11.91
C GLY A 13 -7.36 -7.70 10.93
N ARG A 14 -6.32 -6.89 11.22
CA ARG A 14 -5.12 -6.86 10.39
C ARG A 14 -4.46 -8.24 10.35
N CYS A 15 -4.46 -8.95 11.47
CA CYS A 15 -3.83 -10.29 11.48
C CYS A 15 -4.55 -11.29 10.56
N LYS A 16 -5.87 -11.28 10.54
CA LYS A 16 -6.59 -12.21 9.66
C LYS A 16 -6.46 -11.76 8.19
N ASP A 17 -6.52 -10.45 7.95
CA ASP A 17 -6.37 -9.91 6.59
C ASP A 17 -4.98 -10.37 6.05
N TYR A 18 -3.94 -10.21 6.88
CA TYR A 18 -2.58 -10.55 6.47
C TYR A 18 -2.49 -12.08 6.16
N GLU A 19 -2.97 -12.88 7.09
CA GLU A 19 -2.92 -14.35 7.01
C GLU A 19 -3.46 -14.91 5.70
N ILE A 20 -4.67 -14.50 5.37
CA ILE A 20 -5.35 -14.94 4.15
C ILE A 20 -4.99 -14.17 2.85
N THR A 21 -4.59 -12.89 2.91
CA THR A 21 -4.41 -12.19 1.65
C THR A 21 -3.14 -11.36 1.37
N ARG A 22 -2.26 -11.17 2.33
CA ARG A 22 -1.10 -10.29 2.08
C ARG A 22 0.24 -11.02 1.96
N TYR A 23 1.06 -10.56 1.01
CA TYR A 23 2.43 -11.11 0.80
C TYR A 23 2.45 -12.62 0.65
N LEU A 24 1.38 -13.15 0.05
CA LEU A 24 1.15 -14.62 -0.07
C LEU A 24 2.29 -15.36 -0.76
N ASP A 25 2.88 -14.72 -1.75
CA ASP A 25 3.98 -15.38 -2.44
C ASP A 25 5.33 -14.75 -2.09
N ILE A 26 5.33 -13.89 -1.07
CA ILE A 26 6.56 -13.21 -0.67
C ILE A 26 7.08 -13.62 0.69
N LEU A 27 6.21 -13.74 1.69
CA LEU A 27 6.65 -14.11 3.03
C LEU A 27 5.84 -15.30 3.51
N PRO A 28 6.46 -16.19 4.30
CA PRO A 28 5.75 -17.37 4.80
C PRO A 28 4.67 -16.99 5.83
N ARG A 29 3.70 -17.89 6.05
CA ARG A 29 2.64 -17.72 7.06
C ARG A 29 3.21 -17.97 8.49
N VAL A 30 2.57 -17.41 9.49
CA VAL A 30 3.04 -17.65 10.86
C VAL A 30 2.19 -18.83 11.41
N ARG A 31 2.81 -19.75 12.17
CA ARG A 31 2.09 -20.93 12.71
C ARG A 31 1.05 -20.60 13.81
N SER A 32 1.39 -19.69 14.74
CA SER A 32 0.43 -19.29 15.81
C SER A 32 -0.81 -18.61 15.25
N ASP A 33 -1.97 -18.89 15.82
CA ASP A 33 -3.17 -18.26 15.30
C ASP A 33 -3.33 -16.81 15.85
N CYS A 34 -4.13 -15.99 15.20
CA CYS A 34 -4.23 -14.60 15.64
C CYS A 34 -4.60 -14.43 17.12
N SER A 35 -5.46 -15.29 17.67
CA SER A 35 -5.80 -15.10 19.10
C SER A 35 -4.65 -15.42 20.03
N ALA A 36 -3.77 -16.33 19.60
CA ALA A 36 -2.58 -16.71 20.39
C ALA A 36 -1.59 -15.51 20.32
N LEU A 37 -1.43 -14.92 19.14
CA LEU A 37 -0.53 -13.75 19.01
C LEU A 37 -1.00 -12.56 19.88
N TRP A 38 -2.32 -12.33 19.90
CA TRP A 38 -2.93 -11.29 20.69
C TRP A 38 -2.65 -11.52 22.17
N LYS A 39 -2.87 -12.73 22.69
CA LYS A 39 -2.56 -13.03 24.09
C LYS A 39 -1.12 -12.72 24.43
N ASP A 40 -0.18 -13.15 23.57
CA ASP A 40 1.24 -12.85 23.82
C ASP A 40 1.56 -11.31 23.80
N PHE A 41 1.02 -10.59 22.81
CA PHE A 41 1.24 -9.13 22.67
C PHE A 41 0.71 -8.45 23.91
N PHE A 42 -0.52 -8.79 24.29
CA PHE A 42 -1.21 -8.15 25.42
C PHE A 42 -0.49 -8.42 26.76
N LYS A 43 0.05 -9.63 26.94
CA LYS A 43 0.79 -9.99 28.19
C LYS A 43 2.07 -9.13 28.28
N ALA A 44 2.72 -8.87 27.15
CA ALA A 44 3.94 -8.05 27.17
C ALA A 44 3.84 -6.67 27.82
N PHE A 45 2.79 -5.92 27.52
CA PHE A 45 2.67 -4.59 28.07
C PHE A 45 1.55 -4.32 29.09
N SER A 46 0.55 -5.20 29.20
CA SER A 46 -0.56 -4.87 30.12
C SER A 46 -0.16 -4.93 31.59
N PHE A 47 -0.89 -4.19 32.42
CA PHE A 47 -0.61 -4.16 33.85
C PHE A 47 0.84 -3.75 34.22
N LYS A 48 1.40 -2.82 33.45
CA LYS A 48 2.74 -2.28 33.69
C LYS A 48 2.75 -0.80 33.36
N ASN A 49 3.50 -0.02 34.13
CA ASN A 49 3.64 1.41 33.83
C ASN A 49 4.43 1.49 32.53
N PRO A 50 4.03 2.33 31.55
CA PRO A 50 4.87 2.30 30.33
C PRO A 50 6.34 2.61 30.52
N CYS A 51 6.67 3.43 31.51
CA CYS A 51 8.08 3.72 31.75
C CYS A 51 8.89 2.55 32.29
N ASP A 52 8.23 1.44 32.65
CA ASP A 52 8.90 0.24 33.15
C ASP A 52 9.19 -0.80 32.06
N LEU A 53 8.78 -0.53 30.83
CA LEU A 53 9.05 -1.52 29.78
C LEU A 53 10.53 -1.53 29.43
N ASP A 54 11.01 -2.64 28.90
CA ASP A 54 12.41 -2.72 28.47
C ASP A 54 12.58 -3.61 27.25
N LEU A 55 13.81 -3.73 26.73
CA LEU A 55 13.99 -4.51 25.53
C LEU A 55 13.47 -5.93 25.61
N GLY A 56 13.33 -6.51 26.80
CA GLY A 56 12.86 -7.90 26.83
C GLY A 56 11.35 -8.07 26.97
N SER A 57 10.64 -6.96 27.18
CA SER A 57 9.20 -7.04 27.42
C SER A 57 8.43 -7.77 26.34
N TYR A 58 8.74 -7.51 25.07
CA TYR A 58 8.04 -8.11 23.95
C TYR A 58 8.80 -9.28 23.32
N LYS A 59 9.85 -9.76 23.98
CA LYS A 59 10.63 -10.89 23.41
C LYS A 59 9.79 -12.14 23.06
N ASP A 60 8.91 -12.58 23.94
CA ASP A 60 8.14 -13.80 23.59
C ASP A 60 7.15 -13.63 22.41
N PHE A 61 6.53 -12.44 22.31
CA PHE A 61 5.63 -12.11 21.23
C PHE A 61 6.40 -12.17 19.92
N PHE A 62 7.56 -11.53 19.87
CA PHE A 62 8.33 -11.55 18.62
C PHE A 62 8.84 -12.96 18.25
N THR A 63 9.10 -13.79 19.26
CA THR A 63 9.55 -15.15 18.96
C THR A 63 8.43 -15.88 18.24
N SER A 64 7.19 -15.69 18.69
CA SER A 64 6.00 -16.30 18.10
C SER A 64 5.66 -15.72 16.71
N ALA A 65 5.84 -14.40 16.56
CA ALA A 65 5.49 -13.74 15.32
C ALA A 65 6.54 -13.67 14.24
N GLN A 66 7.79 -14.07 14.53
CA GLN A 66 8.90 -13.98 13.56
C GLN A 66 8.83 -14.93 12.35
N GLN A 67 9.01 -14.37 11.17
CA GLN A 67 8.95 -15.14 9.91
C GLN A 67 10.35 -15.27 9.35
N GLN A 68 10.64 -16.36 8.65
CA GLN A 68 11.95 -16.46 8.02
C GLN A 68 11.83 -15.46 6.85
N LEU A 69 12.93 -14.77 6.55
CA LEU A 69 12.94 -13.73 5.52
C LEU A 69 13.66 -14.17 4.29
N PRO A 70 13.20 -13.75 3.11
CA PRO A 70 13.87 -14.15 1.87
C PRO A 70 15.30 -13.63 1.66
N LYS A 71 16.16 -14.51 1.16
CA LYS A 71 17.55 -14.15 0.93
C LYS A 71 17.76 -12.90 0.07
N ASN A 72 18.73 -12.07 0.48
CA ASN A 72 19.10 -10.83 -0.25
C ASN A 72 18.05 -9.73 -0.38
N LYS A 73 16.90 -9.88 0.26
CA LYS A 73 15.85 -8.87 0.10
C LYS A 73 15.57 -7.90 1.24
N VAL A 74 16.19 -8.07 2.38
CA VAL A 74 15.92 -7.20 3.51
C VAL A 74 16.48 -5.78 3.35
N MET A 75 15.67 -4.81 3.71
CA MET A 75 16.09 -3.41 3.65
C MET A 75 15.89 -2.77 5.03
N PHE A 76 16.82 -1.87 5.35
CA PHE A 76 16.86 -1.09 6.60
C PHE A 76 16.90 0.37 6.07
N TRP A 77 16.48 1.31 6.90
CA TRP A 77 16.44 2.69 6.49
C TRP A 77 16.59 3.63 7.67
N SER A 78 17.00 4.89 7.40
CA SER A 78 17.15 5.93 8.44
C SER A 78 16.87 7.30 7.82
N GLY A 79 15.90 8.00 8.37
CA GLY A 79 15.59 9.35 7.87
C GLY A 79 14.92 9.47 6.52
N VAL A 80 14.58 8.36 5.88
CA VAL A 80 13.96 8.42 4.55
C VAL A 80 12.78 7.42 4.41
N TYR A 81 11.93 7.38 5.43
CA TYR A 81 10.78 6.45 5.47
C TYR A 81 9.96 6.40 4.21
N ASP A 82 9.51 7.54 3.72
CA ASP A 82 8.67 7.51 2.54
C ASP A 82 9.37 6.98 1.28
N GLU A 83 10.54 7.55 0.99
CA GLU A 83 11.28 7.11 -0.20
C GLU A 83 11.68 5.61 -0.15
N ALA A 84 12.13 5.11 1.01
CA ALA A 84 12.55 3.72 1.13
C ALA A 84 11.36 2.78 0.88
N HIS A 85 10.21 3.12 1.44
CA HIS A 85 9.03 2.32 1.24
C HIS A 85 8.49 2.36 -0.19
N ASP A 86 8.58 3.51 -0.85
CA ASP A 86 8.09 3.58 -2.22
C ASP A 86 9.00 2.68 -3.09
N TYR A 87 10.30 2.80 -2.87
CA TYR A 87 11.27 2.03 -3.63
C TYR A 87 11.13 0.49 -3.36
N ALA A 88 10.87 0.08 -2.11
CA ALA A 88 10.72 -1.34 -1.69
C ALA A 88 9.51 -1.96 -2.37
N ASN A 89 8.50 -1.13 -2.58
CA ASN A 89 7.31 -1.54 -3.36
C ASN A 89 6.49 -2.75 -2.87
N THR A 90 6.00 -2.64 -1.62
CA THR A 90 5.18 -3.68 -0.95
C THR A 90 5.71 -5.09 -1.11
N GLY A 91 6.97 -5.24 -0.75
CA GLY A 91 7.58 -6.53 -0.82
C GLY A 91 8.04 -7.01 -2.17
N ARG A 92 7.70 -6.32 -3.26
CA ARG A 92 8.12 -6.79 -4.59
C ARG A 92 9.61 -6.61 -4.91
N LYS A 93 10.20 -5.51 -4.44
CA LYS A 93 11.59 -5.24 -4.71
C LYS A 93 12.41 -5.58 -3.46
N TYR A 94 12.04 -4.98 -2.33
CA TYR A 94 12.71 -5.28 -1.06
C TYR A 94 11.65 -5.53 0.02
N ILE A 95 12.03 -6.18 1.12
CA ILE A 95 11.16 -6.41 2.26
C ILE A 95 11.55 -5.32 3.26
N THR A 96 10.58 -4.72 3.97
CA THR A 96 10.87 -3.80 5.05
C THR A 96 10.19 -4.42 6.30
N LEU A 97 10.49 -3.87 7.48
CA LEU A 97 9.90 -4.41 8.69
C LEU A 97 8.39 -4.28 8.62
N GLU A 98 7.93 -3.18 8.02
CA GLU A 98 6.49 -2.93 7.92
C GLU A 98 5.76 -3.96 7.07
N ASP A 99 6.46 -4.79 6.30
CA ASP A 99 5.80 -5.85 5.48
C ASP A 99 5.71 -7.17 6.22
N THR A 100 6.42 -7.27 7.33
CA THR A 100 6.39 -8.50 8.12
C THR A 100 5.11 -8.49 8.99
N LEU A 101 4.70 -9.65 9.49
CA LEU A 101 3.45 -9.71 10.29
C LEU A 101 3.34 -8.75 11.49
N PRO A 102 4.34 -8.75 12.37
CA PRO A 102 4.24 -7.83 13.51
C PRO A 102 4.34 -6.35 13.04
N GLY A 103 5.18 -6.09 12.04
CA GLY A 103 5.31 -4.70 11.57
C GLY A 103 4.02 -4.19 10.95
N TYR A 104 3.31 -5.06 10.23
CA TYR A 104 2.06 -4.70 9.56
C TYR A 104 0.92 -4.53 10.57
N MET A 105 0.86 -5.41 11.57
CA MET A 105 -0.18 -5.36 12.59
C MET A 105 -0.11 -4.07 13.41
N LEU A 106 1.08 -3.69 13.86
CA LEU A 106 1.18 -2.52 14.70
C LEU A 106 1.55 -1.21 14.02
N ASN A 107 1.86 -1.23 12.72
CA ASN A 107 2.23 0.01 12.03
C ASN A 107 1.27 1.20 12.29
N SER A 108 1.85 2.31 12.73
CA SER A 108 1.14 3.56 13.04
C SER A 108 0.19 3.54 14.25
N LEU A 109 0.10 2.41 14.96
CA LEU A 109 -0.82 2.36 16.11
C LEU A 109 -0.17 2.92 17.35
N VAL A 110 -0.99 3.27 18.30
CA VAL A 110 -0.54 3.87 19.55
C VAL A 110 -1.24 3.13 20.65
N TRP A 111 -0.50 2.66 21.65
CA TRP A 111 -1.10 1.94 22.78
C TRP A 111 -0.30 2.13 24.10
N CYS A 112 -0.92 1.83 25.23
CA CYS A 112 -0.20 1.92 26.53
C CYS A 112 -0.84 1.10 27.64
N GLY A 113 0.00 0.46 28.47
CA GLY A 113 -0.54 -0.30 29.55
C GLY A 113 -0.68 0.64 30.75
N GLN A 114 -1.36 0.19 31.79
CA GLN A 114 -1.48 0.94 33.05
C GLN A 114 -1.55 -0.11 34.15
N ARG A 115 -1.31 0.28 35.40
CA ARG A 115 -1.35 -0.63 36.51
C ARG A 115 -2.75 -1.01 36.92
N ALA A 116 -3.72 -0.10 36.78
CA ALA A 116 -5.10 -0.45 37.16
C ALA A 116 -5.91 -1.18 36.07
N ASN A 117 -6.89 -1.99 36.49
CA ASN A 117 -7.75 -2.68 35.55
C ASN A 117 -8.24 -1.68 34.51
N PRO A 118 -8.42 -2.11 33.25
CA PRO A 118 -8.21 -3.47 32.75
C PRO A 118 -6.76 -3.72 32.26
N GLY A 119 -5.84 -2.91 32.77
CA GLY A 119 -4.43 -3.03 32.45
C GLY A 119 -3.90 -2.27 31.24
N PHE A 120 -4.75 -1.51 30.57
CA PHE A 120 -4.31 -0.67 29.42
C PHE A 120 -5.36 0.44 29.31
N ASN A 121 -5.01 1.54 28.65
CA ASN A 121 -5.94 2.67 28.53
C ASN A 121 -6.29 2.94 27.08
N GLU A 122 -7.58 2.87 26.73
CA GLU A 122 -7.96 3.12 25.34
C GLU A 122 -8.47 4.52 25.11
N LYS A 123 -8.21 5.44 26.05
CA LYS A 123 -8.62 6.83 25.92
C LYS A 123 -7.50 7.87 26.02
N VAL A 124 -6.46 7.60 26.80
CA VAL A 124 -5.42 8.57 26.97
C VAL A 124 -4.17 7.85 27.43
N CYS A 125 -3.05 8.35 26.97
CA CYS A 125 -1.77 7.78 27.30
C CYS A 125 -0.82 8.91 27.61
N PRO A 126 0.07 8.67 28.56
CA PRO A 126 1.04 9.73 28.87
C PRO A 126 1.99 9.88 27.65
N ASP A 127 2.52 11.09 27.48
CA ASP A 127 3.46 11.33 26.40
C ASP A 127 4.65 10.42 26.72
N PHE A 128 5.19 9.73 25.73
CA PHE A 128 6.29 8.84 26.04
C PHE A 128 7.69 9.45 26.15
N LYS A 129 7.83 10.72 25.79
CA LYS A 129 9.13 11.42 25.86
C LYS A 129 9.57 11.49 27.31
N THR A 130 8.59 11.37 28.20
CA THR A 130 8.83 11.39 29.61
C THR A 130 9.52 10.09 30.10
N CYS A 131 9.43 9.02 29.31
CA CYS A 131 10.03 7.75 29.71
C CYS A 131 11.49 7.53 29.34
N PRO A 132 12.16 6.60 30.03
CA PRO A 132 13.55 6.31 29.72
C PRO A 132 13.67 5.66 28.33
N VAL A 133 14.82 5.86 27.68
CA VAL A 133 15.02 5.35 26.33
C VAL A 133 14.70 3.88 26.08
N GLN A 134 15.13 2.97 26.97
CA GLN A 134 14.85 1.55 26.75
C GLN A 134 13.36 1.20 26.79
N ALA A 135 12.55 2.08 27.35
CA ALA A 135 11.10 1.85 27.40
C ALA A 135 10.49 2.46 26.15
N ARG A 136 10.98 3.63 25.78
CA ARG A 136 10.46 4.28 24.62
C ARG A 136 10.71 3.39 23.43
N GLU A 137 11.86 2.72 23.43
CA GLU A 137 12.19 1.86 22.31
C GLU A 137 11.88 0.38 22.49
N SER A 138 11.19 0.06 23.58
CA SER A 138 10.85 -1.36 23.87
C SER A 138 10.28 -2.16 22.70
N PHE A 139 9.20 -1.65 22.09
CA PHE A 139 8.58 -2.39 21.02
C PHE A 139 9.30 -2.36 19.70
N TRP A 140 9.54 -1.18 19.10
CA TRP A 140 10.14 -1.16 17.77
C TRP A 140 11.63 -1.54 17.83
N GLY A 141 12.28 -1.37 18.99
CA GLY A 141 13.67 -1.76 19.14
C GLY A 141 13.77 -3.28 19.14
N MET A 142 12.90 -3.93 19.91
CA MET A 142 12.88 -5.44 19.89
C MET A 142 12.44 -5.91 18.46
N ALA A 143 11.51 -5.16 17.84
CA ALA A 143 11.06 -5.50 16.47
C ALA A 143 12.20 -5.53 15.49
N SER A 144 13.04 -4.49 15.53
CA SER A 144 14.23 -4.37 14.67
C SER A 144 15.27 -5.45 14.92
N SER A 145 15.53 -5.77 16.20
CA SER A 145 16.51 -6.81 16.55
C SER A 145 16.10 -8.18 15.99
N SER A 146 14.84 -8.51 16.18
CA SER A 146 14.33 -9.78 15.73
C SER A 146 14.37 -9.89 14.18
N TYR A 147 13.93 -8.84 13.51
CA TYR A 147 13.93 -8.73 12.05
C TYR A 147 15.40 -8.82 11.54
N ALA A 148 16.27 -7.97 12.03
CA ALA A 148 17.67 -7.98 11.61
C ALA A 148 18.35 -9.34 11.83
N HIS A 149 18.01 -10.00 12.94
CA HIS A 149 18.58 -11.31 13.27
C HIS A 149 18.18 -12.38 12.24
N SER A 150 17.07 -12.14 11.56
CA SER A 150 16.57 -13.10 10.55
C SER A 150 17.07 -12.88 9.12
N ALA A 151 17.84 -11.82 8.89
CA ALA A 151 18.32 -11.50 7.57
C ALA A 151 19.44 -12.43 7.07
N GLU A 152 19.45 -12.69 5.75
CA GLU A 152 20.45 -13.55 5.10
C GLU A 152 20.82 -12.98 3.76
N GLY A 153 22.04 -13.26 3.29
CA GLY A 153 22.47 -12.73 2.02
C GLY A 153 22.85 -11.26 2.10
N GLU A 154 22.59 -10.48 1.06
CA GLU A 154 22.93 -9.06 1.05
C GLU A 154 21.79 -8.28 1.74
N VAL A 155 22.13 -7.24 2.49
CA VAL A 155 21.12 -6.41 3.10
C VAL A 155 21.37 -5.00 2.59
N THR A 156 20.29 -4.21 2.52
CA THR A 156 20.38 -2.86 1.98
C THR A 156 20.05 -1.85 3.05
N TYR A 157 20.72 -0.71 3.01
CA TYR A 157 20.50 0.32 4.02
C TYR A 157 20.35 1.69 3.32
N MET A 158 19.14 2.26 3.33
CA MET A 158 18.94 3.56 2.66
C MET A 158 19.01 4.73 3.67
N VAL A 159 19.91 5.69 3.43
CA VAL A 159 20.10 6.85 4.33
C VAL A 159 19.90 8.22 3.67
N ASP A 160 19.73 9.24 4.50
CA ASP A 160 19.50 10.62 4.05
C ASP A 160 20.88 11.27 3.95
N GLY A 161 21.24 11.79 2.78
CA GLY A 161 22.55 12.45 2.68
C GLY A 161 22.46 13.97 2.55
N SER A 162 21.28 14.58 2.78
CA SER A 162 21.16 16.04 2.67
C SER A 162 20.61 16.70 3.95
N ASN A 163 20.90 16.12 5.10
CA ASN A 163 20.38 16.68 6.36
C ASN A 163 21.57 17.21 7.11
N PRO A 164 21.72 18.55 7.20
CA PRO A 164 22.87 19.11 7.92
C PRO A 164 22.84 18.90 9.44
N LYS A 165 21.70 18.56 9.99
CA LYS A 165 21.64 18.37 11.43
C LYS A 165 21.74 16.91 11.86
N VAL A 166 21.49 15.96 10.95
CA VAL A 166 21.51 14.55 11.30
C VAL A 166 22.38 13.70 10.38
N PRO A 167 23.60 13.31 10.83
CA PRO A 167 24.46 12.50 9.97
C PRO A 167 23.79 11.22 9.45
N ALA A 168 24.20 10.81 8.25
CA ALA A 168 23.73 9.62 7.57
C ALA A 168 23.73 8.38 8.44
N TYR A 169 24.82 8.19 9.16
CA TYR A 169 24.94 7.04 10.04
C TYR A 169 25.26 7.60 11.44
N ARG A 170 24.53 7.13 12.44
CA ARG A 170 24.73 7.51 13.86
C ARG A 170 24.63 6.25 14.73
N PRO A 171 25.56 6.07 15.67
CA PRO A 171 25.50 4.89 16.54
C PRO A 171 24.29 4.77 17.44
N ASP A 172 23.65 5.88 17.76
CA ASP A 172 22.46 5.91 18.61
C ASP A 172 21.15 5.63 17.89
N SER A 173 21.17 5.54 16.56
CA SER A 173 19.94 5.29 15.82
C SER A 173 19.50 3.82 15.96
N PHE A 174 18.31 3.49 15.47
CA PHE A 174 17.87 2.09 15.58
C PHE A 174 18.77 1.20 14.77
N PHE A 175 19.26 1.73 13.67
CA PHE A 175 20.14 0.92 12.87
C PHE A 175 21.42 0.61 13.66
N GLY A 176 21.95 1.64 14.32
CA GLY A 176 23.19 1.50 15.07
C GLY A 176 23.13 0.63 16.30
N LYS A 177 22.04 0.74 17.05
CA LYS A 177 21.82 0.00 18.30
C LYS A 177 21.17 -1.36 18.13
N TYR A 178 20.24 -1.50 17.17
CA TYR A 178 19.51 -2.74 17.06
C TYR A 178 19.66 -3.59 15.85
N GLU A 179 19.95 -3.00 14.72
CA GLU A 179 20.01 -3.80 13.52
C GLU A 179 21.42 -4.27 13.18
N LEU A 180 22.36 -3.34 13.01
CA LEU A 180 23.73 -3.75 12.66
C LEU A 180 24.35 -4.75 13.61
N PRO A 181 24.20 -4.57 14.96
CA PRO A 181 24.77 -5.51 15.96
C PRO A 181 24.12 -6.91 15.99
N ASN A 182 22.97 -7.02 15.35
CA ASN A 182 22.26 -8.30 15.27
C ASN A 182 22.39 -9.06 13.94
N LEU A 183 23.10 -8.49 12.96
CA LEU A 183 23.30 -9.19 11.69
C LEU A 183 24.23 -10.42 11.95
N THR A 184 23.78 -11.62 11.56
CA THR A 184 24.52 -12.84 11.78
C THR A 184 25.46 -13.13 10.63
N ASN A 185 26.19 -14.23 10.74
CA ASN A 185 27.14 -14.66 9.73
C ASN A 185 26.40 -15.13 8.46
N LYS A 186 25.08 -15.27 8.49
CA LYS A 186 24.37 -15.65 7.26
C LYS A 186 24.28 -14.40 6.32
N VAL A 187 24.59 -13.23 6.86
CA VAL A 187 24.59 -11.97 6.07
C VAL A 187 25.98 -11.87 5.44
N THR A 188 26.07 -11.46 4.18
CA THR A 188 27.33 -11.37 3.46
C THR A 188 27.85 -9.97 3.12
N ARG A 189 26.93 -9.06 2.96
CA ARG A 189 27.24 -7.72 2.50
C ARG A 189 26.18 -6.68 2.92
N VAL A 190 26.63 -5.45 3.19
CA VAL A 190 25.76 -4.31 3.52
C VAL A 190 25.92 -3.33 2.33
N LYS A 191 24.82 -3.09 1.64
CA LYS A 191 24.78 -2.17 0.51
C LYS A 191 24.09 -0.85 0.91
N VAL A 192 24.80 0.27 0.86
CA VAL A 192 24.24 1.53 1.29
C VAL A 192 23.76 2.39 0.09
N ILE A 193 22.59 3.01 0.21
CA ILE A 193 22.08 3.92 -0.81
C ILE A 193 21.91 5.26 -0.09
N VAL A 194 22.67 6.25 -0.51
CA VAL A 194 22.62 7.60 0.03
C VAL A 194 21.68 8.46 -0.80
N LEU A 195 20.57 8.87 -0.20
CA LEU A 195 19.59 9.71 -0.90
C LEU A 195 19.93 11.23 -0.83
N HIS A 196 20.06 11.88 -1.98
CA HIS A 196 20.30 13.33 -1.96
C HIS A 196 19.00 13.99 -2.46
N ARG A 197 18.20 14.55 -1.56
CA ARG A 197 16.96 15.23 -1.94
C ARG A 197 17.11 16.31 -3.04
N LEU A 198 16.15 16.36 -3.93
CA LEU A 198 16.20 17.30 -5.04
C LEU A 198 16.12 18.73 -4.54
N GLY A 199 17.01 19.56 -5.07
CA GLY A 199 17.01 20.95 -4.67
C GLY A 199 17.53 21.24 -3.28
N GLU A 200 18.21 20.31 -2.63
CA GLU A 200 18.75 20.61 -1.30
C GLU A 200 20.26 20.49 -1.45
N LYS A 201 21.01 21.11 -0.56
CA LYS A 201 22.47 21.04 -0.62
C LYS A 201 22.94 19.63 -0.24
N ILE A 202 23.92 19.11 -0.96
CA ILE A 202 24.48 17.79 -0.69
C ILE A 202 25.34 17.85 0.58
N ILE A 203 25.07 16.95 1.54
CA ILE A 203 25.81 16.95 2.80
C ILE A 203 26.79 15.79 3.02
N GLU A 204 26.33 14.55 2.81
CA GLU A 204 27.15 13.36 3.01
C GLU A 204 27.38 12.67 1.68
N LYS A 205 28.59 12.13 1.52
CA LYS A 205 28.99 11.43 0.32
C LYS A 205 29.72 10.15 0.72
N CYS A 206 29.64 9.12 -0.09
CA CYS A 206 30.32 7.89 0.27
C CYS A 206 31.84 8.09 0.48
N GLY A 207 32.41 7.25 1.34
CA GLY A 207 33.82 7.36 1.63
C GLY A 207 34.25 8.52 2.54
N ALA A 208 33.30 9.33 3.03
CA ALA A 208 33.67 10.43 3.93
C ALA A 208 32.67 10.61 5.07
N GLY A 209 33.10 11.32 6.10
CA GLY A 209 32.28 11.55 7.27
C GLY A 209 31.74 10.29 7.96
N SER A 210 30.46 10.34 8.30
CA SER A 210 29.86 9.22 9.02
C SER A 210 29.79 7.97 8.16
N LEU A 211 29.78 8.16 6.83
CA LEU A 211 29.72 6.98 5.97
C LEU A 211 31.04 6.21 5.98
N LEU A 212 32.16 6.91 6.14
CA LEU A 212 33.46 6.25 6.25
C LEU A 212 33.47 5.48 7.61
N ASP A 213 32.90 6.06 8.66
CA ASP A 213 32.87 5.34 9.93
C ASP A 213 32.04 4.05 9.80
N LEU A 214 30.91 4.15 9.10
CA LEU A 214 30.04 2.98 8.87
C LEU A 214 30.82 1.87 8.11
N GLU A 215 31.51 2.27 7.04
CA GLU A 215 32.31 1.34 6.25
C GLU A 215 33.29 0.56 7.12
N LYS A 216 34.01 1.27 7.99
CA LYS A 216 34.99 0.63 8.88
C LYS A 216 34.33 -0.44 9.78
N LEU A 217 33.23 -0.06 10.42
CA LEU A 217 32.47 -0.90 11.31
C LEU A 217 31.93 -2.16 10.62
N VAL A 218 31.44 -2.00 9.40
CA VAL A 218 30.89 -3.11 8.66
C VAL A 218 32.04 -4.07 8.30
N LYS A 219 33.18 -3.53 7.85
CA LYS A 219 34.31 -4.37 7.51
C LYS A 219 34.86 -5.09 8.76
N ALA A 220 34.95 -4.38 9.90
CA ALA A 220 35.38 -4.98 11.16
C ALA A 220 34.49 -6.18 11.54
N LYS A 221 33.28 -6.25 11.01
CA LYS A 221 32.42 -7.40 11.32
C LYS A 221 32.49 -8.41 10.18
N HIS A 222 33.48 -8.26 9.31
CA HIS A 222 33.65 -9.19 8.18
C HIS A 222 32.47 -9.24 7.19
N PHE A 223 31.85 -8.09 6.91
CA PHE A 223 30.78 -8.10 5.91
C PHE A 223 31.36 -7.33 4.74
N ALA A 224 30.97 -7.67 3.53
CA ALA A 224 31.44 -6.89 2.39
C ALA A 224 30.70 -5.51 2.49
N PHE A 225 31.15 -4.50 1.75
CA PHE A 225 30.52 -3.16 1.84
C PHE A 225 30.52 -2.42 0.52
N ASP A 226 29.43 -1.72 0.20
CA ASP A 226 29.41 -0.84 -0.97
C ASP A 226 28.41 0.30 -0.77
N CYS A 227 28.56 1.33 -1.58
CA CYS A 227 27.78 2.54 -1.38
C CYS A 227 27.58 3.30 -2.69
N VAL A 228 26.34 3.74 -2.93
CA VAL A 228 25.99 4.53 -4.11
C VAL A 228 25.18 5.75 -3.67
N GLU A 229 25.29 6.84 -4.45
CA GLU A 229 24.57 8.10 -4.24
C GLU A 229 23.54 8.28 -5.38
N ASN A 230 22.26 8.50 -5.02
CA ASN A 230 21.17 8.63 -5.97
C ASN A 230 21.31 7.73 -7.22
N PRO A 231 21.26 6.40 -7.05
CA PRO A 231 21.36 5.50 -8.21
C PRO A 231 20.11 5.79 -9.10
N ARG A 232 20.22 5.57 -10.39
CA ARG A 232 19.14 5.96 -11.30
C ARG A 232 17.70 5.63 -10.97
N ALA A 233 17.45 4.40 -10.49
CA ALA A 233 16.08 3.97 -10.16
C ALA A 233 15.56 4.79 -8.99
N VAL A 234 16.43 5.08 -8.05
CA VAL A 234 16.02 5.88 -6.95
C VAL A 234 15.82 7.34 -7.42
N LEU A 235 16.72 7.86 -8.24
CA LEU A 235 16.60 9.25 -8.74
C LEU A 235 15.28 9.44 -9.47
N PHE A 236 14.92 8.47 -10.33
CA PHE A 236 13.67 8.54 -11.09
C PHE A 236 12.46 8.59 -10.18
N LEU A 237 12.54 7.86 -9.08
CA LEU A 237 11.45 7.86 -8.10
C LEU A 237 11.35 9.26 -7.48
N LEU A 238 12.47 9.88 -7.17
CA LEU A 238 12.44 11.24 -6.62
C LEU A 238 11.93 12.23 -7.69
N CYS A 239 12.36 12.06 -8.93
CA CYS A 239 11.89 12.97 -9.96
C CYS A 239 10.37 12.92 -10.19
N SER A 240 9.75 11.77 -9.93
CA SER A 240 8.32 11.71 -10.15
C SER A 240 7.57 12.64 -9.20
N ASP A 241 8.16 13.01 -8.06
CA ASP A 241 7.47 13.92 -7.14
C ASP A 241 7.87 15.39 -7.42
N ASN A 242 8.87 15.62 -8.26
CA ASN A 242 9.35 17.01 -8.52
C ASN A 242 9.96 16.92 -9.92
N PRO A 243 9.11 16.76 -10.95
CA PRO A 243 9.57 16.66 -12.34
C PRO A 243 10.30 17.86 -12.97
N ASN A 244 10.20 19.03 -12.36
CA ASN A 244 10.88 20.17 -12.96
C ASN A 244 12.17 20.54 -12.26
N ALA A 245 12.58 19.73 -11.28
CA ALA A 245 13.82 19.97 -10.55
C ALA A 245 14.96 19.88 -11.57
N ARG A 246 15.98 20.67 -11.36
CA ARG A 246 17.10 20.70 -12.27
C ARG A 246 17.82 19.36 -12.40
N GLU A 247 17.85 18.54 -11.34
CA GLU A 247 18.53 17.26 -11.45
C GLU A 247 17.78 16.26 -12.35
N CYS A 248 16.53 16.59 -12.70
CA CYS A 248 15.65 15.69 -13.48
C CYS A 248 15.52 16.00 -14.97
N ARG A 249 16.40 16.84 -15.48
CA ARG A 249 16.31 17.18 -16.88
C ARG A 249 16.67 15.97 -17.74
N LEU A 250 15.78 15.67 -18.69
CA LEU A 250 15.97 14.54 -19.60
C LEU A 250 16.60 15.09 -20.84
N ALA A 251 17.23 14.21 -21.62
CA ALA A 251 17.88 14.64 -22.86
C ALA A 251 16.93 15.50 -23.73
N ILE B 1 -12.58 -21.49 -10.58
CA ILE B 1 -11.64 -20.68 -9.77
C ILE B 1 -11.83 -20.95 -8.24
N VAL B 2 -10.81 -20.60 -7.45
CA VAL B 2 -10.79 -20.90 -6.01
C VAL B 2 -11.32 -19.78 -5.13
N PRO B 3 -12.34 -20.08 -4.34
CA PRO B 3 -12.89 -19.02 -3.49
C PRO B 3 -11.96 -18.67 -2.33
N THR B 4 -11.97 -17.40 -1.94
CA THR B 4 -11.18 -16.90 -0.83
C THR B 4 -11.64 -17.65 0.42
N ARG B 5 -10.70 -18.07 1.26
CA ARG B 5 -11.06 -18.76 2.47
C ARG B 5 -11.53 -17.81 3.55
N GLU B 6 -12.39 -18.29 4.45
CA GLU B 6 -12.86 -17.47 5.55
C GLU B 6 -13.32 -16.05 5.06
N LEU B 7 -14.12 -16.03 4.01
CA LEU B 7 -14.62 -14.76 3.44
C LEU B 7 -15.21 -13.77 4.45
N GLU B 8 -16.10 -14.23 5.34
CA GLU B 8 -16.68 -13.32 6.31
C GLU B 8 -15.62 -12.75 7.25
N ASN B 9 -14.69 -13.59 7.73
CA ASN B 9 -13.59 -13.12 8.62
C ASN B 9 -12.72 -12.06 7.93
N VAL B 10 -12.40 -12.29 6.67
CA VAL B 10 -11.55 -11.35 5.92
C VAL B 10 -12.31 -10.04 5.66
N PHE B 11 -13.58 -10.15 5.25
CA PHE B 11 -14.41 -8.96 5.00
C PHE B 11 -14.46 -8.07 6.27
N LEU B 12 -14.83 -8.69 7.39
CA LEU B 12 -14.98 -7.96 8.67
C LEU B 12 -13.62 -7.39 9.19
N GLY B 13 -12.56 -8.17 9.02
CA GLY B 13 -11.25 -7.72 9.45
C GLY B 13 -10.81 -6.48 8.67
N ARG B 14 -10.95 -6.52 7.34
CA ARG B 14 -10.56 -5.38 6.52
C ARG B 14 -11.48 -4.19 6.84
N CYS B 15 -12.74 -4.48 7.10
CA CYS B 15 -13.68 -3.39 7.37
C CYS B 15 -13.28 -2.60 8.64
N LYS B 16 -12.95 -3.32 9.70
CA LYS B 16 -12.56 -2.69 10.97
C LYS B 16 -11.21 -2.00 10.81
N ASP B 17 -10.25 -2.63 10.13
CA ASP B 17 -8.97 -1.99 9.89
C ASP B 17 -9.18 -0.65 9.15
N TYR B 18 -9.99 -0.68 8.11
CA TYR B 18 -10.23 0.54 7.33
C TYR B 18 -10.91 1.64 8.21
N GLU B 19 -11.99 1.26 8.83
CA GLU B 19 -12.73 2.18 9.71
C GLU B 19 -11.87 2.98 10.69
N ILE B 20 -11.05 2.27 11.46
CA ILE B 20 -10.21 2.94 12.50
C ILE B 20 -8.89 3.51 12.03
N THR B 21 -8.27 2.97 10.99
CA THR B 21 -6.93 3.41 10.60
C THR B 21 -6.56 3.89 9.17
N ARG B 22 -7.42 3.66 8.19
CA ARG B 22 -7.11 3.97 6.79
C ARG B 22 -7.77 5.21 6.19
N TYR B 23 -6.97 5.92 5.39
CA TYR B 23 -7.42 7.12 4.66
C TYR B 23 -8.10 8.14 5.54
N LEU B 24 -7.70 8.23 6.80
CA LEU B 24 -8.33 9.14 7.73
C LEU B 24 -8.31 10.64 7.32
N ASP B 25 -7.27 11.09 6.63
CA ASP B 25 -7.28 12.50 6.26
C ASP B 25 -7.75 12.80 4.81
N ILE B 26 -8.14 11.78 4.07
CA ILE B 26 -8.66 12.00 2.71
C ILE B 26 -10.13 11.55 2.45
N LEU B 27 -10.58 10.46 3.07
CA LEU B 27 -11.96 10.00 2.87
C LEU B 27 -12.73 9.94 4.20
N PRO B 28 -14.04 10.24 4.16
CA PRO B 28 -14.90 10.22 5.35
C PRO B 28 -15.25 8.80 5.71
N ARG B 29 -15.66 8.58 6.97
CA ARG B 29 -16.07 7.23 7.40
C ARG B 29 -17.51 7.05 6.93
N VAL B 30 -17.96 5.81 6.86
CA VAL B 30 -19.34 5.58 6.46
C VAL B 30 -20.18 5.44 7.72
N ARG B 31 -21.50 5.61 7.68
CA ARG B 31 -22.13 5.45 8.97
C ARG B 31 -22.51 4.07 9.41
N SER B 32 -22.62 3.10 8.51
CA SER B 32 -22.98 1.73 8.90
C SER B 32 -21.83 0.98 9.61
N ASP B 33 -22.16 0.09 10.55
CA ASP B 33 -21.08 -0.66 11.19
C ASP B 33 -20.75 -1.84 10.25
N CYS B 34 -19.63 -2.51 10.51
CA CYS B 34 -19.18 -3.64 9.71
C CYS B 34 -20.15 -4.84 9.63
N SER B 35 -20.85 -5.15 10.72
CA SER B 35 -21.79 -6.29 10.64
C SER B 35 -23.02 -5.97 9.75
N ALA B 36 -23.45 -4.69 9.71
CA ALA B 36 -24.58 -4.28 8.87
C ALA B 36 -24.12 -4.32 7.40
N LEU B 37 -22.91 -3.85 7.11
CA LEU B 37 -22.38 -3.94 5.75
C LEU B 37 -22.23 -5.45 5.34
N TRP B 38 -21.79 -6.33 6.24
CA TRP B 38 -21.70 -7.74 5.87
C TRP B 38 -23.09 -8.28 5.50
N LYS B 39 -24.08 -7.98 6.31
CA LYS B 39 -25.44 -8.45 6.01
C LYS B 39 -25.90 -8.02 4.58
N ASP B 40 -25.62 -6.76 4.22
CA ASP B 40 -26.03 -6.26 2.89
C ASP B 40 -25.27 -6.95 1.74
N PHE B 41 -23.96 -7.09 1.93
CA PHE B 41 -23.11 -7.72 0.96
C PHE B 41 -23.58 -9.16 0.76
N PHE B 42 -23.74 -9.88 1.88
CA PHE B 42 -24.10 -11.32 1.83
C PHE B 42 -25.43 -11.59 1.15
N LYS B 43 -26.46 -10.84 1.52
CA LYS B 43 -27.77 -11.06 0.89
C LYS B 43 -27.80 -10.80 -0.62
N ALA B 44 -26.86 -10.02 -1.15
CA ALA B 44 -26.82 -9.75 -2.58
C ALA B 44 -26.67 -11.02 -3.41
N PHE B 45 -25.84 -11.95 -2.93
CA PHE B 45 -25.57 -13.18 -3.65
C PHE B 45 -25.90 -14.53 -3.02
N SER B 46 -26.18 -14.55 -1.72
CA SER B 46 -26.39 -15.81 -1.00
C SER B 46 -27.69 -16.58 -1.31
N PHE B 47 -27.62 -17.91 -1.24
CA PHE B 47 -28.78 -18.79 -1.43
C PHE B 47 -29.41 -18.67 -2.82
N LYS B 48 -28.58 -18.37 -3.81
CA LYS B 48 -29.02 -18.26 -5.19
C LYS B 48 -27.94 -18.96 -5.97
N ASN B 49 -28.27 -19.38 -7.19
CA ASN B 49 -27.33 -20.04 -8.09
C ASN B 49 -26.19 -19.03 -8.36
N PRO B 50 -24.95 -19.51 -8.52
CA PRO B 50 -23.82 -18.62 -8.77
C PRO B 50 -23.90 -17.62 -9.90
N CYS B 51 -24.80 -17.83 -10.87
CA CYS B 51 -24.98 -16.91 -12.00
C CYS B 51 -26.24 -16.06 -11.97
N ASP B 52 -26.99 -16.09 -10.87
CA ASP B 52 -28.24 -15.34 -10.77
C ASP B 52 -28.04 -13.95 -10.14
N LEU B 53 -27.42 -13.05 -10.90
CA LEU B 53 -27.12 -11.72 -10.42
C LEU B 53 -27.33 -10.71 -11.53
N ASP B 54 -27.51 -9.43 -11.21
CA ASP B 54 -27.60 -8.36 -12.21
C ASP B 54 -27.09 -7.05 -11.61
N LEU B 55 -27.10 -5.95 -12.37
CA LEU B 55 -26.58 -4.69 -11.85
C LEU B 55 -27.24 -4.22 -10.54
N GLY B 56 -28.45 -4.70 -10.28
CA GLY B 56 -29.10 -4.27 -9.06
C GLY B 56 -28.88 -5.18 -7.84
N SER B 57 -28.20 -6.30 -7.99
CA SER B 57 -28.04 -7.22 -6.84
C SER B 57 -27.39 -6.62 -5.60
N TYR B 58 -26.28 -5.91 -5.78
CA TYR B 58 -25.58 -5.33 -4.62
C TYR B 58 -26.01 -3.92 -4.35
N LYS B 59 -27.19 -3.52 -4.83
CA LYS B 59 -27.67 -2.16 -4.60
C LYS B 59 -27.63 -1.67 -3.14
N ASP B 60 -28.15 -2.43 -2.18
CA ASP B 60 -28.14 -1.95 -0.77
C ASP B 60 -26.73 -1.80 -0.16
N PHE B 61 -25.84 -2.72 -0.52
CA PHE B 61 -24.48 -2.69 -0.05
C PHE B 61 -23.82 -1.39 -0.52
N PHE B 62 -23.90 -1.11 -1.84
CA PHE B 62 -23.22 0.07 -2.31
C PHE B 62 -23.78 1.38 -1.78
N THR B 63 -25.08 1.40 -1.53
CA THR B 63 -25.70 2.62 -0.99
C THR B 63 -25.15 2.88 0.41
N SER B 64 -25.15 1.84 1.21
CA SER B 64 -24.62 1.93 2.58
C SER B 64 -23.07 2.22 2.66
N ALA B 65 -22.30 1.66 1.73
CA ALA B 65 -20.84 1.83 1.69
C ALA B 65 -20.28 3.10 1.00
N GLN B 66 -21.11 3.90 0.35
CA GLN B 66 -20.60 5.06 -0.43
C GLN B 66 -20.11 6.25 0.37
N GLN B 67 -18.95 6.77 0.00
CA GLN B 67 -18.35 7.90 0.71
C GLN B 67 -18.35 9.13 -0.23
N GLN B 68 -18.34 10.35 0.32
CA GLN B 68 -18.23 11.57 -0.53
C GLN B 68 -16.76 11.63 -0.93
N LEU B 69 -16.46 11.90 -2.19
CA LEU B 69 -15.07 11.86 -2.68
C LEU B 69 -14.45 13.26 -2.81
N PRO B 70 -13.13 13.39 -2.64
CA PRO B 70 -12.44 14.69 -2.74
C PRO B 70 -12.50 15.30 -4.14
N LYS B 71 -12.88 16.58 -4.19
CA LYS B 71 -13.00 17.29 -5.45
C LYS B 71 -11.63 17.32 -6.17
N ASN B 72 -11.69 17.13 -7.49
CA ASN B 72 -10.53 17.12 -8.36
C ASN B 72 -9.55 15.95 -8.16
N LYS B 73 -9.88 14.98 -7.31
CA LYS B 73 -8.92 13.92 -7.09
C LYS B 73 -9.35 12.53 -7.57
N VAL B 74 -10.51 12.40 -8.14
CA VAL B 74 -10.94 11.06 -8.54
C VAL B 74 -10.23 10.61 -9.84
N MET B 75 -9.72 9.40 -9.81
CA MET B 75 -9.04 8.83 -10.96
C MET B 75 -9.73 7.56 -11.42
N PHE B 76 -9.83 7.35 -12.73
CA PHE B 76 -10.42 6.11 -13.25
C PHE B 76 -9.26 5.51 -14.07
N TRP B 77 -9.30 4.21 -14.34
CA TRP B 77 -8.23 3.59 -15.10
C TRP B 77 -8.71 2.39 -15.93
N SER B 78 -8.01 2.12 -17.03
CA SER B 78 -8.32 0.95 -17.90
C SER B 78 -7.00 0.30 -18.40
N GLY B 79 -6.83 -1.00 -18.12
CA GLY B 79 -5.68 -1.77 -18.58
C GLY B 79 -4.33 -1.49 -17.98
N VAL B 80 -4.27 -0.61 -16.97
CA VAL B 80 -2.99 -0.22 -16.36
C VAL B 80 -3.03 -0.21 -14.84
N TYR B 81 -3.53 -1.31 -14.27
CA TYR B 81 -3.67 -1.41 -12.82
C TYR B 81 -2.47 -0.96 -12.00
N ASP B 82 -1.32 -1.59 -12.21
CA ASP B 82 -0.13 -1.21 -11.44
C ASP B 82 0.35 0.22 -11.63
N GLU B 83 0.36 0.69 -12.87
CA GLU B 83 0.83 2.07 -13.16
C GLU B 83 -0.11 3.14 -12.53
N ALA B 84 -1.42 2.92 -12.63
CA ALA B 84 -2.35 3.91 -12.08
C ALA B 84 -2.29 3.95 -10.57
N HIS B 85 -2.26 2.79 -9.92
CA HIS B 85 -2.21 2.78 -8.47
C HIS B 85 -0.85 3.30 -7.96
N ASP B 86 0.24 2.98 -8.67
CA ASP B 86 1.51 3.49 -8.22
C ASP B 86 1.51 5.00 -8.39
N TYR B 87 0.92 5.51 -9.47
CA TYR B 87 0.87 6.97 -9.66
C TYR B 87 -0.08 7.73 -8.70
N ALA B 88 -1.22 7.11 -8.35
CA ALA B 88 -2.18 7.77 -7.49
C ALA B 88 -1.62 7.84 -6.08
N ASN B 89 -0.75 6.88 -5.79
CA ASN B 89 -0.01 6.78 -4.52
C ASN B 89 -0.92 6.71 -3.29
N THR B 90 -1.75 5.65 -3.23
CA THR B 90 -2.72 5.37 -2.15
C THR B 90 -3.48 6.59 -1.62
N GLY B 91 -4.07 7.36 -2.52
CA GLY B 91 -4.79 8.53 -2.08
C GLY B 91 -3.99 9.81 -1.88
N ARG B 92 -2.69 9.77 -2.16
CA ARG B 92 -1.82 10.95 -2.02
C ARG B 92 -2.10 12.02 -3.12
N LYS B 93 -1.92 11.62 -4.37
CA LYS B 93 -2.16 12.51 -5.48
C LYS B 93 -3.62 12.34 -6.00
N TYR B 94 -4.07 11.09 -6.08
CA TYR B 94 -5.41 10.76 -6.53
C TYR B 94 -5.99 9.61 -5.71
N ILE B 95 -7.31 9.50 -5.73
CA ILE B 95 -8.04 8.40 -5.08
C ILE B 95 -8.39 7.41 -6.21
N THR B 96 -8.33 6.09 -5.97
CA THR B 96 -8.81 5.13 -7.02
C THR B 96 -9.96 4.39 -6.35
N LEU B 97 -10.70 3.58 -7.13
CA LEU B 97 -11.79 2.82 -6.53
C LEU B 97 -11.33 1.88 -5.40
N GLU B 98 -10.10 1.36 -5.54
CA GLU B 98 -9.60 0.41 -4.56
C GLU B 98 -9.20 1.07 -3.22
N ASP B 99 -9.20 2.41 -3.15
CA ASP B 99 -8.91 3.15 -1.91
C ASP B 99 -10.21 3.45 -1.15
N THR B 100 -11.36 3.30 -1.80
CA THR B 100 -12.64 3.55 -1.11
C THR B 100 -13.01 2.30 -0.26
N LEU B 101 -13.89 2.44 0.72
CA LEU B 101 -14.22 1.31 1.57
C LEU B 101 -14.62 0.01 0.84
N PRO B 102 -15.64 0.06 -0.04
CA PRO B 102 -16.01 -1.20 -0.72
C PRO B 102 -14.90 -1.76 -1.61
N GLY B 103 -14.14 -0.89 -2.27
CA GLY B 103 -13.04 -1.38 -3.11
C GLY B 103 -11.93 -2.02 -2.26
N TYR B 104 -11.50 -1.36 -1.17
CA TYR B 104 -10.46 -1.89 -0.24
C TYR B 104 -10.89 -3.26 0.29
N MET B 105 -12.13 -3.35 0.73
CA MET B 105 -12.67 -4.59 1.30
C MET B 105 -12.72 -5.83 0.40
N LEU B 106 -13.17 -5.69 -0.83
CA LEU B 106 -13.26 -6.84 -1.70
C LEU B 106 -12.14 -6.97 -2.75
N ASN B 107 -11.19 -6.04 -2.84
CA ASN B 107 -10.13 -6.12 -3.84
C ASN B 107 -9.44 -7.51 -3.75
N SER B 108 -9.39 -8.18 -4.89
CA SER B 108 -8.77 -9.51 -5.06
C SER B 108 -9.48 -10.65 -4.41
N LEU B 109 -10.69 -10.46 -3.88
CA LEU B 109 -11.32 -11.63 -3.26
C LEU B 109 -12.16 -12.34 -4.32
N VAL B 110 -12.48 -13.60 -4.07
CA VAL B 110 -13.28 -14.42 -4.97
C VAL B 110 -14.40 -15.06 -4.16
N TRP B 111 -15.65 -14.93 -4.61
CA TRP B 111 -16.76 -15.53 -3.88
C TRP B 111 -17.99 -15.83 -4.76
N CYS B 112 -18.87 -16.75 -4.34
CA CYS B 112 -20.12 -16.99 -5.10
C CYS B 112 -21.22 -17.71 -4.30
N GLY B 113 -22.46 -17.50 -4.71
CA GLY B 113 -23.53 -18.14 -4.00
C GLY B 113 -23.83 -19.54 -4.53
N GLN B 114 -24.70 -20.25 -3.81
CA GLN B 114 -25.27 -21.56 -4.15
C GLN B 114 -26.60 -21.61 -3.40
N ARG B 115 -27.55 -22.40 -3.89
CA ARG B 115 -28.86 -22.50 -3.25
C ARG B 115 -28.82 -23.24 -1.91
N ALA B 116 -28.13 -24.37 -1.88
CA ALA B 116 -28.05 -25.15 -0.65
C ALA B 116 -27.24 -24.45 0.45
N ASN B 117 -27.57 -24.77 1.70
CA ASN B 117 -26.89 -24.24 2.87
C ASN B 117 -25.38 -24.55 2.72
N PRO B 118 -24.48 -23.63 3.16
CA PRO B 118 -24.61 -22.32 3.80
C PRO B 118 -24.94 -21.11 2.90
N GLY B 119 -25.32 -21.37 1.63
CA GLY B 119 -25.71 -20.27 0.75
C GLY B 119 -24.60 -19.67 -0.10
N PHE B 120 -23.37 -20.14 0.13
CA PHE B 120 -22.19 -19.70 -0.63
C PHE B 120 -21.36 -20.94 -0.74
N ASN B 121 -20.61 -21.01 -1.83
CA ASN B 121 -19.77 -22.14 -2.15
C ASN B 121 -18.36 -21.92 -1.64
N GLU B 122 -17.92 -22.78 -0.72
CA GLU B 122 -16.58 -22.64 -0.16
C GLU B 122 -15.58 -23.47 -0.95
N LYS B 123 -16.01 -24.19 -1.98
CA LYS B 123 -15.03 -24.97 -2.73
C LYS B 123 -14.73 -24.57 -4.16
N VAL B 124 -15.70 -24.03 -4.88
CA VAL B 124 -15.40 -23.64 -6.25
C VAL B 124 -16.35 -22.57 -6.77
N CYS B 125 -15.84 -21.65 -7.58
CA CYS B 125 -16.69 -20.61 -8.18
C CYS B 125 -16.56 -20.72 -9.72
N PRO B 126 -17.63 -20.40 -10.45
CA PRO B 126 -17.64 -20.48 -11.91
C PRO B 126 -16.59 -19.66 -12.59
N ASP B 127 -16.30 -20.03 -13.83
CA ASP B 127 -15.30 -19.37 -14.64
C ASP B 127 -15.80 -18.00 -15.06
N PHE B 128 -16.95 -17.61 -14.51
CA PHE B 128 -17.59 -16.31 -14.78
C PHE B 128 -17.65 -16.01 -16.27
N LYS B 129 -17.23 -17.00 -17.03
CA LYS B 129 -17.23 -16.97 -18.48
C LYS B 129 -18.42 -17.90 -18.75
N THR B 130 -18.82 -18.58 -17.67
CA THR B 130 -19.95 -19.48 -17.71
C THR B 130 -21.20 -18.73 -17.23
N CYS B 131 -21.03 -17.50 -16.76
CA CYS B 131 -22.16 -16.68 -16.32
C CYS B 131 -22.42 -15.53 -17.31
N PRO B 132 -23.69 -15.16 -17.53
CA PRO B 132 -23.91 -14.04 -18.47
C PRO B 132 -23.25 -12.74 -18.01
N VAL B 133 -23.09 -11.81 -18.93
CA VAL B 133 -22.42 -10.53 -18.65
C VAL B 133 -23.02 -9.65 -17.52
N GLN B 134 -24.32 -9.52 -17.41
CA GLN B 134 -24.85 -8.71 -16.31
C GLN B 134 -24.59 -9.33 -14.90
N ALA B 135 -24.21 -10.61 -14.86
CA ALA B 135 -23.93 -11.32 -13.61
C ALA B 135 -22.46 -11.17 -13.33
N ARG B 136 -21.66 -11.52 -14.33
CA ARG B 136 -20.21 -11.41 -14.24
C ARG B 136 -19.80 -10.03 -13.70
N GLU B 137 -20.42 -8.97 -14.21
CA GLU B 137 -20.11 -7.58 -13.82
C GLU B 137 -21.03 -6.97 -12.76
N SER B 138 -21.84 -7.80 -12.13
CA SER B 138 -22.73 -7.30 -11.10
C SER B 138 -22.08 -6.45 -9.99
N PHE B 139 -21.04 -7.00 -9.34
CA PHE B 139 -20.42 -6.31 -8.20
C PHE B 139 -19.54 -5.12 -8.57
N TRP B 140 -18.54 -5.36 -9.44
CA TRP B 140 -17.64 -4.28 -9.82
C TRP B 140 -18.31 -3.24 -10.73
N GLY B 141 -19.36 -3.66 -11.45
CA GLY B 141 -20.10 -2.74 -12.31
C GLY B 141 -20.87 -1.76 -11.44
N MET B 142 -21.49 -2.26 -10.37
CA MET B 142 -22.24 -1.37 -9.47
C MET B 142 -21.23 -0.52 -8.64
N ALA B 143 -20.07 -1.10 -8.26
CA ALA B 143 -19.03 -0.32 -7.53
C ALA B 143 -18.57 0.91 -8.36
N SER B 144 -18.30 0.69 -9.65
CA SER B 144 -17.86 1.76 -10.56
C SER B 144 -18.95 2.81 -10.81
N SER B 145 -20.19 2.34 -10.97
CA SER B 145 -21.33 3.23 -11.17
C SER B 145 -21.51 4.13 -9.94
N SER B 146 -21.42 3.55 -8.74
CA SER B 146 -21.62 4.37 -7.53
C SER B 146 -20.47 5.32 -7.33
N TYR B 147 -19.25 4.87 -7.63
CA TYR B 147 -18.07 5.69 -7.52
C TYR B 147 -18.09 6.93 -8.45
N ALA B 148 -18.43 6.70 -9.72
CA ALA B 148 -18.47 7.75 -10.75
C ALA B 148 -19.50 8.82 -10.40
N HIS B 149 -20.64 8.36 -9.92
CA HIS B 149 -21.74 9.26 -9.52
C HIS B 149 -21.28 10.24 -8.43
N SER B 150 -20.34 9.85 -7.56
CA SER B 150 -19.88 10.75 -6.49
C SER B 150 -18.71 11.66 -6.86
N ALA B 151 -18.13 11.51 -8.05
CA ALA B 151 -17.00 12.33 -8.40
C ALA B 151 -17.37 13.79 -8.69
N GLU B 152 -16.47 14.70 -8.31
CA GLU B 152 -16.67 16.13 -8.49
C GLU B 152 -15.43 16.91 -9.01
N GLY B 153 -15.68 17.99 -9.76
CA GLY B 153 -14.57 18.78 -10.29
C GLY B 153 -13.86 18.07 -11.45
N GLU B 154 -12.55 18.19 -11.55
CA GLU B 154 -11.81 17.52 -12.62
C GLU B 154 -11.61 16.01 -12.31
N VAL B 155 -11.87 15.12 -13.27
CA VAL B 155 -11.59 13.69 -13.02
C VAL B 155 -10.46 13.30 -13.99
N THR B 156 -9.67 12.31 -13.62
CA THR B 156 -8.58 11.84 -14.42
C THR B 156 -8.85 10.38 -14.88
N TYR B 157 -8.44 10.05 -16.10
CA TYR B 157 -8.61 8.72 -16.67
C TYR B 157 -7.29 8.24 -17.32
N MET B 158 -6.70 7.16 -16.76
CA MET B 158 -5.43 6.63 -17.29
C MET B 158 -5.76 5.40 -18.07
N VAL B 159 -5.25 5.35 -19.30
CA VAL B 159 -5.52 4.24 -20.23
C VAL B 159 -4.23 3.72 -20.87
N ASP B 160 -4.31 2.54 -21.46
CA ASP B 160 -3.15 1.91 -22.13
C ASP B 160 -3.15 2.29 -23.61
N GLY B 161 -2.14 3.02 -24.04
CA GLY B 161 -2.00 3.41 -25.44
C GLY B 161 -1.07 2.46 -26.24
N SER B 162 -0.70 1.30 -25.67
CA SER B 162 0.23 0.35 -26.33
C SER B 162 -0.28 -1.08 -26.46
N ASN B 163 -1.59 -1.26 -26.41
CA ASN B 163 -2.14 -2.60 -26.52
C ASN B 163 -2.78 -2.79 -27.90
N PRO B 164 -2.08 -3.49 -28.81
CA PRO B 164 -2.68 -3.66 -30.13
C PRO B 164 -3.97 -4.50 -30.13
N LYS B 165 -4.32 -5.21 -29.04
CA LYS B 165 -5.58 -5.95 -29.13
C LYS B 165 -6.77 -5.22 -28.51
N VAL B 166 -6.50 -4.16 -27.76
CA VAL B 166 -7.52 -3.43 -27.05
C VAL B 166 -7.35 -1.91 -27.10
N PRO B 167 -8.27 -1.20 -27.76
CA PRO B 167 -8.18 0.28 -27.84
C PRO B 167 -8.18 1.02 -26.47
N ALA B 168 -7.53 2.19 -26.43
CA ALA B 168 -7.46 3.00 -25.21
C ALA B 168 -8.86 3.19 -24.58
N TYR B 169 -9.83 3.53 -25.41
CA TYR B 169 -11.22 3.71 -24.95
C TYR B 169 -12.16 2.76 -25.67
N ARG B 170 -12.96 2.01 -24.90
CA ARG B 170 -13.95 1.05 -25.44
C ARG B 170 -15.30 1.32 -24.79
N PRO B 171 -16.37 1.40 -25.58
CA PRO B 171 -17.67 1.64 -24.94
C PRO B 171 -18.12 0.48 -24.02
N ASP B 172 -17.61 -0.73 -24.21
CA ASP B 172 -18.01 -1.83 -23.30
C ASP B 172 -17.04 -2.06 -22.13
N SER B 173 -16.07 -1.18 -21.92
CA SER B 173 -15.17 -1.35 -20.77
C SER B 173 -15.96 -0.87 -19.56
N PHE B 174 -15.44 -1.10 -18.36
CA PHE B 174 -16.16 -0.61 -17.18
C PHE B 174 -16.24 0.91 -17.19
N PHE B 175 -15.19 1.59 -17.66
CA PHE B 175 -15.23 3.05 -17.73
C PHE B 175 -16.32 3.50 -18.71
N GLY B 176 -16.37 2.86 -19.89
CA GLY B 176 -17.33 3.23 -20.92
C GLY B 176 -18.78 2.84 -20.63
N LYS B 177 -18.98 1.68 -20.02
CA LYS B 177 -20.30 1.20 -19.72
C LYS B 177 -20.86 1.73 -18.37
N TYR B 178 -20.00 1.86 -17.35
CA TYR B 178 -20.50 2.28 -16.06
C TYR B 178 -20.03 3.63 -15.50
N GLU B 179 -18.90 4.14 -15.98
CA GLU B 179 -18.39 5.33 -15.36
C GLU B 179 -18.74 6.65 -16.10
N LEU B 180 -18.28 6.80 -17.34
CA LEU B 180 -18.53 7.99 -18.15
C LEU B 180 -20.02 8.32 -18.09
N PRO B 181 -20.90 7.31 -18.27
CA PRO B 181 -22.35 7.51 -18.22
C PRO B 181 -22.90 8.01 -16.87
N ASN B 182 -22.15 7.84 -15.79
CA ASN B 182 -22.65 8.28 -14.50
C ASN B 182 -22.02 9.56 -13.98
N LEU B 183 -21.14 10.20 -14.77
CA LEU B 183 -20.52 11.47 -14.34
C LEU B 183 -21.61 12.55 -14.38
N THR B 184 -21.70 13.35 -13.32
CA THR B 184 -22.76 14.34 -13.15
C THR B 184 -22.33 15.73 -13.55
N ASN B 185 -23.27 16.67 -13.46
CA ASN B 185 -22.98 18.09 -13.80
C ASN B 185 -21.91 18.66 -12.86
N LYS B 186 -21.61 17.93 -11.80
CA LYS B 186 -20.59 18.46 -10.90
C LYS B 186 -19.17 18.16 -11.31
N VAL B 187 -19.03 17.46 -12.43
CA VAL B 187 -17.72 17.15 -13.01
C VAL B 187 -17.56 18.27 -13.99
N THR B 188 -16.36 18.79 -14.15
CA THR B 188 -16.21 19.91 -15.07
C THR B 188 -15.19 19.66 -16.19
N ARG B 189 -14.38 18.63 -16.03
CA ARG B 189 -13.32 18.34 -16.98
C ARG B 189 -12.87 16.88 -16.86
N VAL B 190 -12.59 16.23 -17.99
CA VAL B 190 -12.07 14.84 -17.98
C VAL B 190 -10.66 15.02 -18.53
N LYS B 191 -9.67 14.59 -17.76
CA LYS B 191 -8.26 14.70 -18.10
C LYS B 191 -7.70 13.32 -18.40
N VAL B 192 -7.44 13.04 -19.67
CA VAL B 192 -6.91 11.75 -20.03
C VAL B 192 -5.36 11.67 -20.01
N ILE B 193 -4.82 10.58 -19.44
CA ILE B 193 -3.38 10.33 -19.44
C ILE B 193 -3.19 9.01 -20.21
N VAL B 194 -2.53 9.10 -21.37
CA VAL B 194 -2.29 7.94 -22.19
C VAL B 194 -0.92 7.37 -21.85
N LEU B 195 -0.94 6.10 -21.46
CA LEU B 195 0.28 5.43 -21.12
C LEU B 195 0.96 4.75 -22.32
N HIS B 196 2.20 5.14 -22.62
CA HIS B 196 2.93 4.50 -23.68
C HIS B 196 4.02 3.67 -23.01
N ARG B 197 3.78 2.36 -22.92
CA ARG B 197 4.74 1.48 -22.26
C ARG B 197 6.15 1.61 -22.84
N LEU B 198 7.16 1.52 -21.97
CA LEU B 198 8.55 1.65 -22.40
C LEU B 198 9.04 0.48 -23.27
N GLY B 199 9.66 0.81 -24.39
CA GLY B 199 10.16 -0.20 -25.29
C GLY B 199 9.07 -0.80 -26.19
N GLU B 200 7.84 -0.32 -26.10
CA GLU B 200 6.80 -0.88 -26.96
C GLU B 200 6.21 0.11 -27.96
N LYS B 201 5.69 -0.43 -29.07
CA LYS B 201 5.10 0.33 -30.14
C LYS B 201 3.87 1.10 -29.66
N ILE B 202 3.79 2.37 -30.07
CA ILE B 202 2.69 3.24 -29.72
C ILE B 202 1.49 2.82 -30.59
N ILE B 203 0.35 2.61 -29.95
CA ILE B 203 -0.82 2.15 -30.67
C ILE B 203 -1.85 3.26 -30.73
N GLU B 204 -2.03 4.00 -29.64
CA GLU B 204 -3.01 5.09 -29.61
C GLU B 204 -2.36 6.43 -29.22
N LYS B 205 -2.84 7.51 -29.82
CA LYS B 205 -2.30 8.85 -29.57
C LYS B 205 -3.45 9.83 -29.35
N CYS B 206 -3.19 10.89 -28.58
CA CYS B 206 -4.23 11.87 -28.33
C CYS B 206 -4.61 12.48 -29.68
N GLY B 207 -5.86 12.89 -29.79
CA GLY B 207 -6.33 13.53 -31.01
C GLY B 207 -6.66 12.62 -32.15
N ALA B 208 -6.58 11.31 -31.92
CA ALA B 208 -6.86 10.33 -32.96
C ALA B 208 -7.52 9.02 -32.43
N GLY B 209 -8.10 8.28 -33.35
CA GLY B 209 -8.74 6.99 -33.05
C GLY B 209 -9.82 6.93 -31.95
N SER B 210 -9.73 5.94 -31.07
CA SER B 210 -10.74 5.82 -30.01
C SER B 210 -10.67 7.03 -29.07
N LEU B 211 -9.53 7.69 -29.00
CA LEU B 211 -9.43 8.86 -28.12
C LEU B 211 -10.19 10.08 -28.66
N LEU B 212 -10.40 10.09 -29.97
CA LEU B 212 -11.12 11.17 -30.59
C LEU B 212 -12.59 10.90 -30.32
N ASP B 213 -13.00 9.64 -30.32
CA ASP B 213 -14.39 9.29 -30.03
C ASP B 213 -14.66 9.70 -28.58
N LEU B 214 -13.73 9.36 -27.69
CA LEU B 214 -13.89 9.73 -26.28
C LEU B 214 -14.10 11.25 -26.15
N GLU B 215 -13.25 12.02 -26.81
CA GLU B 215 -13.35 13.50 -26.73
C GLU B 215 -14.74 13.99 -27.16
N LYS B 216 -15.27 13.37 -28.22
CA LYS B 216 -16.59 13.75 -28.70
C LYS B 216 -17.65 13.48 -27.64
N LEU B 217 -17.51 12.34 -26.93
CA LEU B 217 -18.47 11.96 -25.88
C LEU B 217 -18.37 12.92 -24.70
N VAL B 218 -17.15 13.18 -24.26
CA VAL B 218 -16.95 14.10 -23.14
C VAL B 218 -17.57 15.49 -23.45
N LYS B 219 -17.25 16.09 -24.59
CA LYS B 219 -17.79 17.39 -24.96
C LYS B 219 -19.33 17.48 -25.05
N ALA B 220 -19.97 16.40 -25.49
CA ALA B 220 -21.44 16.36 -25.55
C ALA B 220 -22.04 16.51 -24.14
N LYS B 221 -21.28 16.11 -23.13
CA LYS B 221 -21.77 16.20 -21.75
C LYS B 221 -21.30 17.52 -21.16
N HIS B 222 -20.93 18.42 -22.05
CA HIS B 222 -20.44 19.73 -21.71
C HIS B 222 -19.29 19.78 -20.69
N PHE B 223 -18.32 18.86 -20.79
CA PHE B 223 -17.18 18.90 -19.88
C PHE B 223 -15.99 19.28 -20.75
N ALA B 224 -15.02 19.99 -20.18
CA ALA B 224 -13.78 20.30 -20.88
C ALA B 224 -13.01 18.96 -21.02
N PHE B 225 -12.02 18.96 -21.92
CA PHE B 225 -11.25 17.77 -22.23
C PHE B 225 -9.82 18.09 -22.52
N ASP B 226 -8.91 17.27 -22.02
CA ASP B 226 -7.52 17.44 -22.37
C ASP B 226 -6.92 16.06 -22.32
N CYS B 227 -5.87 15.84 -23.10
CA CYS B 227 -5.26 14.53 -23.15
C CYS B 227 -3.75 14.70 -23.26
N VAL B 228 -3.00 13.91 -22.51
CA VAL B 228 -1.52 14.01 -22.59
C VAL B 228 -0.99 12.58 -22.62
N GLU B 229 0.17 12.38 -23.25
CA GLU B 229 0.75 11.05 -23.32
C GLU B 229 2.02 11.10 -22.48
N ASN B 230 2.27 10.05 -21.67
CA ASN B 230 3.46 9.99 -20.81
C ASN B 230 3.91 11.30 -20.21
N PRO B 231 3.02 11.95 -19.41
CA PRO B 231 3.40 13.21 -18.78
C PRO B 231 4.65 12.87 -17.87
N ARG B 232 5.52 13.84 -17.66
CA ARG B 232 6.74 13.61 -16.91
C ARG B 232 6.64 12.84 -15.59
N ALA B 233 5.66 13.15 -14.75
CA ALA B 233 5.54 12.45 -13.49
C ALA B 233 5.33 10.93 -13.71
N VAL B 234 4.51 10.57 -14.70
CA VAL B 234 4.26 9.17 -15.02
C VAL B 234 5.50 8.54 -15.65
N LEU B 235 6.09 9.21 -16.63
CA LEU B 235 7.29 8.64 -17.26
C LEU B 235 8.36 8.25 -16.24
N PHE B 236 8.61 9.13 -15.26
CA PHE B 236 9.64 8.87 -14.24
C PHE B 236 9.34 7.59 -13.44
N LEU B 237 8.06 7.38 -13.15
CA LEU B 237 7.63 6.16 -12.46
C LEU B 237 7.94 4.94 -13.34
N LEU B 238 7.59 5.00 -14.62
CA LEU B 238 7.92 3.90 -15.55
C LEU B 238 9.46 3.62 -15.58
N CYS B 239 10.23 4.70 -15.66
CA CYS B 239 11.68 4.64 -15.71
C CYS B 239 12.28 4.09 -14.41
N SER B 240 11.62 4.35 -13.27
CA SER B 240 12.19 3.85 -12.03
C SER B 240 12.24 2.32 -12.07
N ASP B 241 11.23 1.70 -12.65
CA ASP B 241 11.21 0.26 -12.73
C ASP B 241 11.93 -0.31 -13.95
N ASN B 242 12.58 0.53 -14.75
CA ASN B 242 13.27 0.07 -15.93
C ASN B 242 14.17 1.24 -16.29
N PRO B 243 15.15 1.54 -15.42
CA PRO B 243 16.08 2.65 -15.62
C PRO B 243 16.96 2.64 -16.88
N ASN B 244 17.18 1.49 -17.51
CA ASN B 244 18.02 1.51 -18.70
C ASN B 244 17.27 1.75 -20.01
N ALA B 245 15.94 1.94 -19.95
CA ALA B 245 15.14 2.17 -21.16
C ALA B 245 15.58 3.46 -21.87
N ARG B 246 15.46 3.48 -23.19
CA ARG B 246 15.89 4.63 -23.99
C ARG B 246 15.08 5.92 -23.76
N GLU B 247 13.80 5.78 -23.42
CA GLU B 247 12.98 6.94 -23.13
C GLU B 247 13.45 7.64 -21.85
N CYS B 248 14.31 6.98 -21.08
CA CYS B 248 14.79 7.54 -19.82
C CYS B 248 16.19 8.14 -19.89
N ARG B 249 16.70 8.44 -21.08
CA ARG B 249 18.06 9.00 -21.17
C ARG B 249 18.12 10.40 -20.58
N LEU B 250 19.17 10.66 -19.80
CA LEU B 250 19.36 11.95 -19.14
C LEU B 250 20.23 12.92 -19.95
N ALA B 251 20.07 14.21 -19.67
CA ALA B 251 20.83 15.27 -20.33
C ALA B 251 22.24 15.34 -19.73
OP3 N C . 15.94 5.75 11.60
P N C . 16.43 4.85 12.77
OP1 N C . 16.45 5.58 14.13
OP2 N C . 17.69 4.07 12.27
O5' N C . 15.33 3.46 12.72
C5' N C . 15.24 2.51 11.55
C4' N C . 15.34 1.03 11.88
O4' N C . 13.97 0.82 12.57
C3' N C . 15.33 -0.16 10.82
O3' N C . 15.88 0.17 9.52
C2' N C . 13.78 -0.36 10.61
O2' N C . 13.42 -1.55 9.89
C1' N C . 13.14 -0.27 12.10
N1 PYF D . 8.35 1.24 12.06
C2 PYF D . 6.93 1.46 12.10
C3 PYF D . 6.32 2.32 13.06
C4 PYF D . 7.25 2.96 13.97
C5 PYF D . 8.64 2.74 13.93
C6 PYF D . 9.19 1.88 12.97
C7 PYF D . 4.76 2.59 13.15
O7 PYF D . 4.33 3.32 14.00
OP3 N E . -10.55 -1.17 -17.19
P N E . -12.05 -1.30 -17.38
OP1 N E . -12.48 -2.61 -18.08
OP2 N E . -12.51 0.08 -17.88
O5' N E . -12.64 -1.10 -15.73
C5' N E . -12.36 0.20 -15.02
C4' N E . -13.29 0.73 -14.00
O4' N E . -13.06 -0.26 -12.86
C3' N E . -13.04 2.14 -13.33
O3' N E . -12.17 2.96 -14.16
C2' N E . -12.19 1.76 -12.04
O2' N E . -12.36 2.69 -10.97
C1' N E . -12.66 0.24 -11.58
N1 PYF F . -11.23 -3.51 -9.47
C2 PYF F . -10.81 -4.42 -8.44
C3 PYF F . -11.02 -5.82 -8.56
C4 PYF F . -11.65 -6.24 -9.79
C5 PYF F . -12.06 -5.35 -10.79
C6 PYF F . -11.84 -3.99 -10.62
C7 PYF F . -10.60 -6.87 -7.43
O7 PYF F . -10.82 -8.04 -7.59
#